data_8CBP
#
_entry.id   8CBP
#
_cell.length_a   56.194
_cell.length_b   81.390
_cell.length_c   60.630
_cell.angle_alpha   90.00
_cell.angle_beta   112.28
_cell.angle_gamma   90.00
#
_symmetry.space_group_name_H-M   'P 1 21 1'
#
loop_
_entity.id
_entity.type
_entity.pdbx_description
1 polymer 'Listeriolysin regulatory protein'
2 polymer 'peptide THR-GLU-PRO-LEU'
3 water water
#
loop_
_entity_poly.entity_id
_entity_poly.type
_entity_poly.pdbx_seq_one_letter_code
_entity_poly.pdbx_strand_id
1 'polypeptide(L)'
;GAMNAQAEEFKKYLETNGIKPKQFHKKELIFNQWDPQEYCIFLYDGITKLTSISENGTIMNLQYYKGAFVIMSGFIDTET
SVGYYNLEVISEQATAYVIKINELKELLSKNLTHFFYVFQTLQKQVSYSLAKFNDFSINGKLGSICGQLLILTYVYGKET
PDGIKITLDNLTMQELGYSSGIAHSSAVSRIISKLKQEKVIVYKNSCFYVQNLDYLKRYAPKLDEWFYLACPATWGKLN
;
A,B
2 'polypeptide(L)' TEPL C
#
# COMPACT_ATOMS: atom_id res chain seq x y z
N ASN A 4 6.78 20.33 10.05
CA ASN A 4 6.43 19.07 10.70
C ASN A 4 7.19 18.93 12.02
N ALA A 5 6.44 18.84 13.13
CA ALA A 5 7.04 18.70 14.44
C ALA A 5 7.28 17.24 14.81
N GLN A 6 6.34 16.35 14.48
CA GLN A 6 6.55 14.93 14.73
C GLN A 6 7.82 14.44 14.08
N ALA A 7 8.16 14.99 12.91
CA ALA A 7 9.38 14.58 12.22
C ALA A 7 10.62 15.13 12.91
N GLU A 8 10.68 16.45 13.07
CA GLU A 8 11.86 17.06 13.69
C GLU A 8 12.04 16.61 15.13
N GLU A 9 10.98 16.15 15.80
CA GLU A 9 11.15 15.54 17.11
C GLU A 9 11.72 14.13 16.98
N PHE A 10 11.32 13.39 15.94
CA PHE A 10 11.95 12.10 15.65
C PHE A 10 13.43 12.28 15.36
N LYS A 11 13.78 13.33 14.62
CA LYS A 11 15.19 13.61 14.31
C LYS A 11 15.99 13.77 15.59
N LYS A 12 15.56 14.69 16.47
CA LYS A 12 16.28 14.91 17.72
C LYS A 12 16.35 13.64 18.56
N TYR A 13 15.32 12.79 18.49
CA TYR A 13 15.37 11.51 19.19
C TYR A 13 16.43 10.60 18.60
N LEU A 14 16.57 10.60 17.27
CA LEU A 14 17.54 9.72 16.63
C LEU A 14 18.97 10.15 16.95
N GLU A 15 19.32 11.40 16.63
CA GLU A 15 20.68 11.86 16.84
C GLU A 15 21.01 12.04 18.32
N THR A 16 20.00 12.06 19.20
CA THR A 16 20.28 11.96 20.63
C THR A 16 20.79 10.58 20.99
N ASN A 17 20.44 9.55 20.20
CA ASN A 17 20.91 8.19 20.40
C ASN A 17 22.09 7.85 19.50
N GLY A 18 22.86 8.86 19.09
CA GLY A 18 24.09 8.61 18.36
C GLY A 18 23.91 8.25 16.91
N ILE A 19 22.93 8.85 16.24
CA ILE A 19 22.66 8.61 14.83
C ILE A 19 22.80 9.95 14.12
N LYS A 20 23.83 10.09 13.34
CA LYS A 20 24.14 11.37 12.74
C LYS A 20 23.63 11.43 11.30
N PRO A 21 23.23 12.61 10.82
CA PRO A 21 22.71 12.71 9.46
C PRO A 21 23.78 12.42 8.41
N LYS A 22 23.31 12.15 7.19
CA LYS A 22 24.19 11.96 6.05
C LYS A 22 23.60 12.68 4.85
N GLN A 23 24.44 13.42 4.13
CA GLN A 23 24.02 14.19 2.97
C GLN A 23 24.32 13.41 1.69
N PHE A 24 23.39 13.45 0.75
CA PHE A 24 23.54 12.79 -0.54
C PHE A 24 23.25 13.78 -1.64
N HIS A 25 23.93 13.59 -2.74
CA HIS A 25 23.79 14.37 -3.90
C HIS A 25 23.03 13.53 -4.86
N LYS A 26 22.36 14.19 -5.77
CA LYS A 26 21.50 13.50 -6.69
C LYS A 26 22.23 12.41 -7.40
N LYS A 27 21.44 11.41 -7.73
CA LYS A 27 21.81 10.27 -8.47
C LYS A 27 22.49 9.23 -7.61
N GLU A 28 22.62 9.53 -6.35
CA GLU A 28 23.13 8.55 -5.43
C GLU A 28 22.08 7.60 -4.90
N LEU A 29 22.47 6.43 -4.44
CA LEU A 29 21.50 5.49 -3.92
C LEU A 29 21.68 5.37 -2.41
N ILE A 30 20.62 5.66 -1.66
CA ILE A 30 20.68 5.49 -0.20
C ILE A 30 20.73 4.01 0.17
N PHE A 31 20.13 3.16 -0.67
CA PHE A 31 20.30 1.72 -0.56
C PHE A 31 19.81 1.10 -1.87
N ASN A 32 20.40 -0.04 -2.22
CA ASN A 32 20.05 -0.73 -3.46
C ASN A 32 19.45 -2.09 -3.14
N GLN A 33 19.00 -2.77 -4.20
CA GLN A 33 18.17 -3.95 -4.04
C GLN A 33 18.95 -5.20 -3.69
N TRP A 34 20.26 -5.23 -3.92
CA TRP A 34 21.06 -6.41 -3.61
C TRP A 34 21.68 -6.36 -2.23
N ASP A 35 21.48 -5.28 -1.48
CA ASP A 35 22.01 -5.14 -0.13
C ASP A 35 21.26 -6.09 0.81
N PRO A 36 21.90 -7.14 1.34
CA PRO A 36 21.18 -8.05 2.25
C PRO A 36 20.80 -7.41 3.57
N GLN A 37 21.39 -6.27 3.92
CA GLN A 37 21.06 -5.56 5.14
C GLN A 37 19.86 -4.65 4.89
N GLU A 38 18.87 -4.72 5.78
CA GLU A 38 17.67 -3.91 5.67
C GLU A 38 17.82 -2.66 6.53
N TYR A 39 17.59 -1.49 5.92
CA TYR A 39 17.75 -0.22 6.59
C TYR A 39 16.39 0.37 6.96
N CYS A 40 16.44 1.42 7.76
CA CYS A 40 15.30 2.29 8.01
C CYS A 40 15.74 3.71 7.71
N ILE A 41 15.28 4.26 6.59
CA ILE A 41 15.72 5.55 6.10
C ILE A 41 14.75 6.60 6.60
N PHE A 42 15.26 7.55 7.39
CA PHE A 42 14.48 8.72 7.79
C PHE A 42 14.93 9.87 6.89
N LEU A 43 14.38 9.89 5.67
CA LEU A 43 14.64 10.98 4.75
C LEU A 43 14.13 12.20 5.52
N TYR A 44 15.05 13.04 5.98
CA TYR A 44 14.64 14.27 6.66
C TYR A 44 14.36 15.40 5.66
N ASP A 45 15.24 15.57 4.68
CA ASP A 45 15.09 16.63 3.68
C ASP A 45 15.50 16.09 2.32
N GLY A 46 14.90 16.66 1.29
CA GLY A 46 15.15 16.25 -0.07
C GLY A 46 14.09 15.28 -0.57
N ILE A 47 13.95 15.21 -1.89
CA ILE A 47 13.01 14.32 -2.55
C ILE A 47 13.78 13.18 -3.19
N THR A 48 13.15 12.00 -3.24
CA THR A 48 13.81 10.78 -3.70
C THR A 48 12.81 9.94 -4.48
N LYS A 49 13.28 8.80 -4.98
CA LYS A 49 12.47 7.90 -5.79
C LYS A 49 12.82 6.46 -5.45
N LEU A 50 11.81 5.61 -5.37
CA LEU A 50 12.00 4.18 -5.16
C LEU A 50 11.88 3.47 -6.51
N THR A 51 12.96 2.83 -6.93
CA THR A 51 13.05 2.22 -8.25
C THR A 51 13.34 0.74 -8.12
N SER A 52 12.91 -0.02 -9.14
CA SER A 52 13.24 -1.42 -9.27
C SER A 52 13.66 -1.68 -10.71
N ILE A 53 14.87 -2.19 -10.89
CA ILE A 53 15.39 -2.50 -12.22
C ILE A 53 15.15 -3.97 -12.50
N SER A 54 14.52 -4.24 -13.63
CA SER A 54 14.21 -5.60 -14.01
C SER A 54 15.47 -6.35 -14.39
N GLU A 55 15.35 -7.69 -14.52
CA GLU A 55 16.52 -8.53 -14.78
C GLU A 55 17.18 -8.21 -16.12
N ASN A 56 16.45 -7.64 -17.08
CA ASN A 56 17.04 -7.26 -18.35
C ASN A 56 17.64 -5.86 -18.32
N GLY A 57 17.68 -5.21 -17.15
CA GLY A 57 18.31 -3.92 -16.99
C GLY A 57 17.36 -2.74 -16.99
N THR A 58 16.12 -2.91 -17.47
CA THR A 58 15.18 -1.81 -17.52
C THR A 58 14.81 -1.36 -16.11
N ILE A 59 14.88 -0.06 -15.87
CA ILE A 59 14.62 0.52 -14.56
C ILE A 59 13.25 1.19 -14.59
N MET A 60 12.38 0.81 -13.64
CA MET A 60 11.08 1.44 -13.48
C MET A 60 11.00 2.08 -12.10
N ASN A 61 10.38 3.25 -12.04
CA ASN A 61 10.15 3.95 -10.78
C ASN A 61 8.79 3.55 -10.24
N LEU A 62 8.73 3.24 -8.95
CA LEU A 62 7.51 2.77 -8.33
C LEU A 62 6.86 3.79 -7.38
N GLN A 63 7.64 4.69 -6.81
CA GLN A 63 7.11 5.62 -5.82
C GLN A 63 8.15 6.72 -5.60
N TYR A 64 7.66 7.88 -5.16
CA TYR A 64 8.51 9.00 -4.78
C TYR A 64 8.21 9.37 -3.34
N TYR A 65 9.26 9.67 -2.58
CA TYR A 65 9.13 10.06 -1.18
C TYR A 65 9.82 11.39 -0.96
N LYS A 66 9.10 12.35 -0.40
CA LYS A 66 9.64 13.64 0.00
C LYS A 66 9.78 13.68 1.52
N GLY A 67 10.87 14.29 2.00
CA GLY A 67 11.08 14.38 3.42
C GLY A 67 10.23 15.48 4.05
N ALA A 68 9.92 15.32 5.34
CA ALA A 68 10.36 14.19 6.16
C ALA A 68 9.46 12.97 5.97
N PHE A 69 10.07 11.79 5.89
CA PHE A 69 9.31 10.55 5.75
C PHE A 69 10.22 9.37 6.05
N VAL A 70 9.60 8.22 6.32
CA VAL A 70 10.31 7.01 6.68
C VAL A 70 10.12 5.98 5.57
N ILE A 71 11.21 5.32 5.20
CA ILE A 71 11.20 4.23 4.22
C ILE A 71 12.02 3.09 4.80
N MET A 72 11.44 1.89 4.83
CA MET A 72 12.06 0.74 5.47
C MET A 72 12.15 -0.43 4.50
N SER A 73 13.31 -1.07 4.47
CA SER A 73 13.61 -2.15 3.53
C SER A 73 13.29 -3.53 4.08
N GLY A 74 13.04 -3.66 5.37
CA GLY A 74 12.76 -4.95 5.96
C GLY A 74 11.66 -4.83 7.01
N PHE A 75 11.07 -5.98 7.32
CA PHE A 75 10.09 -6.03 8.39
C PHE A 75 10.74 -5.65 9.72
N ILE A 76 9.90 -5.21 10.67
CA ILE A 76 10.42 -4.62 11.89
C ILE A 76 11.02 -5.70 12.80
N ASP A 77 10.38 -6.86 12.89
CA ASP A 77 10.80 -7.90 13.84
C ASP A 77 11.54 -9.04 13.15
N THR A 78 10.91 -9.69 12.17
CA THR A 78 11.57 -10.80 11.47
C THR A 78 12.86 -10.34 10.82
N GLU A 79 12.95 -9.07 10.43
CA GLU A 79 14.12 -8.45 9.81
C GLU A 79 14.39 -8.97 8.41
N THR A 80 13.44 -9.66 7.80
CA THR A 80 13.57 -10.10 6.41
C THR A 80 13.14 -8.98 5.48
N SER A 81 13.66 -9.02 4.25
CA SER A 81 13.34 -8.00 3.27
C SER A 81 11.85 -7.98 2.96
N VAL A 82 11.29 -6.76 2.86
CA VAL A 82 9.93 -6.60 2.37
C VAL A 82 9.87 -6.51 0.85
N GLY A 83 11.02 -6.47 0.18
CA GLY A 83 11.08 -6.28 -1.26
C GLY A 83 12.37 -5.61 -1.67
N TYR A 84 13.01 -6.10 -2.72
CA TYR A 84 14.32 -5.61 -3.14
C TYR A 84 14.14 -4.41 -4.06
N TYR A 85 14.51 -3.23 -3.58
CA TYR A 85 14.35 -1.99 -4.32
C TYR A 85 15.60 -1.13 -4.15
N ASN A 86 15.65 -0.03 -4.89
CA ASN A 86 16.73 0.94 -4.80
C ASN A 86 16.13 2.31 -4.55
N LEU A 87 16.61 2.98 -3.51
CA LEU A 87 16.14 4.32 -3.14
C LEU A 87 17.15 5.33 -3.67
N GLU A 88 16.81 5.96 -4.78
CA GLU A 88 17.68 6.93 -5.43
C GLU A 88 17.28 8.35 -5.03
N VAL A 89 18.27 9.25 -5.05
CA VAL A 89 18.04 10.65 -4.73
C VAL A 89 17.82 11.41 -6.04
N ILE A 90 16.72 12.15 -6.10
CA ILE A 90 16.41 12.97 -7.28
C ILE A 90 16.60 14.45 -7.03
N SER A 91 16.64 14.90 -5.78
CA SER A 91 16.89 16.30 -5.49
C SER A 91 18.34 16.65 -5.79
N GLU A 92 18.60 17.96 -5.86
CA GLU A 92 19.98 18.42 -5.98
C GLU A 92 20.84 17.78 -4.89
N GLN A 93 20.38 17.87 -3.64
CA GLN A 93 21.00 17.17 -2.53
C GLN A 93 19.93 16.84 -1.51
N ALA A 94 20.16 15.77 -0.75
CA ALA A 94 19.19 15.30 0.23
C ALA A 94 19.91 14.93 1.52
N THR A 95 19.17 15.01 2.63
CA THR A 95 19.66 14.65 3.94
C THR A 95 18.79 13.54 4.50
N ALA A 96 19.41 12.48 5.02
CA ALA A 96 18.67 11.35 5.53
C ALA A 96 19.48 10.63 6.61
N TYR A 97 18.78 10.17 7.64
CA TYR A 97 19.38 9.39 8.72
C TYR A 97 19.18 7.91 8.39
N VAL A 98 20.27 7.21 8.14
CA VAL A 98 20.21 5.79 7.82
C VAL A 98 20.38 4.98 9.09
N ILE A 99 19.54 3.96 9.27
CA ILE A 99 19.49 3.17 10.49
C ILE A 99 19.27 1.71 10.10
N LYS A 100 19.95 0.83 10.78
CA LYS A 100 19.70 -0.59 10.62
C LYS A 100 18.46 -0.98 11.42
N ILE A 101 17.65 -1.84 10.82
CA ILE A 101 16.30 -2.01 11.35
C ILE A 101 16.29 -2.71 12.70
N ASN A 102 17.30 -3.54 13.00
CA ASN A 102 17.36 -4.13 14.33
C ASN A 102 17.67 -3.07 15.37
N GLU A 103 18.44 -2.03 15.01
CA GLU A 103 18.60 -0.89 15.90
C GLU A 103 17.31 -0.10 16.02
N LEU A 104 16.54 0.02 14.93
CA LEU A 104 15.27 0.72 14.98
C LEU A 104 14.25 -0.01 15.83
N LYS A 105 14.31 -1.34 15.87
CA LYS A 105 13.39 -2.10 16.71
C LYS A 105 13.54 -1.71 18.17
N GLU A 106 14.78 -1.56 18.65
CA GLU A 106 14.98 -1.23 20.06
C GLU A 106 14.64 0.22 20.36
N LEU A 107 14.90 1.13 19.42
CA LEU A 107 14.59 2.54 19.65
C LEU A 107 13.08 2.75 19.75
N LEU A 108 12.33 2.33 18.74
CA LEU A 108 10.89 2.54 18.74
C LEU A 108 10.23 1.79 19.89
N SER A 109 10.67 0.56 20.15
CA SER A 109 10.11 -0.21 21.26
C SER A 109 10.28 0.53 22.58
N LYS A 110 11.29 1.39 22.69
CA LYS A 110 11.52 2.15 23.91
C LYS A 110 10.98 3.58 23.83
N ASN A 111 10.29 3.94 22.74
CA ASN A 111 9.63 5.24 22.65
C ASN A 111 8.42 5.07 21.73
N LEU A 112 7.25 4.89 22.32
CA LEU A 112 6.05 4.56 21.56
C LEU A 112 5.42 5.75 20.85
N THR A 113 5.76 6.98 21.25
CA THR A 113 5.27 8.14 20.51
C THR A 113 5.88 8.20 19.12
N HIS A 114 7.17 7.88 19.01
CA HIS A 114 7.82 7.81 17.71
C HIS A 114 7.56 6.47 17.02
N PHE A 115 7.22 5.43 17.80
CA PHE A 115 6.69 4.21 17.20
C PHE A 115 5.39 4.50 16.48
N PHE A 116 4.51 5.29 17.11
CA PHE A 116 3.26 5.68 16.46
C PHE A 116 3.49 6.54 15.23
N TYR A 117 4.57 7.33 15.22
CA TYR A 117 4.82 8.23 14.09
C TYR A 117 5.15 7.44 12.83
N VAL A 118 6.15 6.57 12.89
CA VAL A 118 6.48 5.76 11.72
C VAL A 118 5.34 4.82 11.39
N PHE A 119 4.62 4.35 12.41
CA PHE A 119 3.39 3.58 12.16
C PHE A 119 2.44 4.37 11.27
N GLN A 120 2.30 5.66 11.54
CA GLN A 120 1.43 6.52 10.72
C GLN A 120 1.96 6.64 9.30
N THR A 121 3.27 6.84 9.14
CA THR A 121 3.83 7.10 7.83
C THR A 121 3.45 6.00 6.84
N LEU A 122 3.40 4.75 7.30
CA LEU A 122 3.16 3.65 6.37
C LEU A 122 1.68 3.45 6.11
N GLN A 123 0.81 3.80 7.07
CA GLN A 123 -0.62 3.78 6.78
C GLN A 123 -1.08 5.02 6.06
N LYS A 124 -0.27 6.08 6.03
CA LYS A 124 -0.56 7.20 5.15
C LYS A 124 -0.34 6.82 3.68
N GLN A 125 0.71 6.04 3.40
CA GLN A 125 0.95 5.62 2.03
C GLN A 125 0.07 4.45 1.61
N VAL A 126 -0.51 3.72 2.57
CA VAL A 126 -1.52 2.71 2.24
C VAL A 126 -2.78 3.38 1.73
N SER A 127 -3.34 4.29 2.52
CA SER A 127 -4.50 5.04 2.06
C SER A 127 -4.18 5.86 0.82
N TYR A 128 -2.92 6.24 0.65
CA TYR A 128 -2.51 6.96 -0.55
C TYR A 128 -2.77 6.13 -1.80
N SER A 129 -2.21 4.91 -1.83
CA SER A 129 -2.42 4.03 -2.97
C SER A 129 -3.90 3.70 -3.14
N LEU A 130 -4.62 3.48 -2.03
CA LEU A 130 -6.05 3.23 -2.12
C LEU A 130 -6.77 4.39 -2.80
N ALA A 131 -6.32 5.62 -2.53
CA ALA A 131 -7.00 6.78 -3.06
C ALA A 131 -6.78 6.91 -4.57
N LYS A 132 -5.53 6.75 -5.02
CA LYS A 132 -5.27 6.88 -6.45
C LYS A 132 -5.75 5.67 -7.23
N PHE A 133 -5.84 4.50 -6.60
CA PHE A 133 -6.50 3.37 -7.26
C PHE A 133 -7.95 3.70 -7.55
N ASN A 134 -8.64 4.30 -6.59
CA ASN A 134 -10.01 4.76 -6.83
C ASN A 134 -10.04 5.75 -8.01
N ASP A 135 -9.16 6.75 -7.99
CA ASP A 135 -9.11 7.71 -9.08
C ASP A 135 -8.70 7.07 -10.39
N PHE A 136 -7.98 5.95 -10.34
CA PHE A 136 -7.64 5.22 -11.56
C PHE A 136 -8.83 4.38 -12.04
N SER A 137 -9.47 3.66 -11.12
CA SER A 137 -10.60 2.82 -11.48
C SER A 137 -11.81 3.63 -11.97
N ILE A 138 -11.78 4.95 -11.82
CA ILE A 138 -12.86 5.80 -12.29
C ILE A 138 -12.47 6.55 -13.57
N ASN A 139 -11.22 7.01 -13.67
CA ASN A 139 -10.79 7.88 -14.75
C ASN A 139 -9.48 7.39 -15.36
N GLY A 140 -9.32 6.07 -15.46
CA GLY A 140 -8.15 5.49 -16.10
C GLY A 140 -6.85 6.17 -15.77
N LYS A 141 -6.05 6.49 -16.79
CA LYS A 141 -4.80 7.20 -16.57
C LYS A 141 -5.00 8.68 -16.29
N LEU A 142 -6.14 9.24 -16.71
CA LEU A 142 -6.39 10.66 -16.50
C LEU A 142 -6.48 10.99 -15.01
N GLY A 143 -7.15 10.14 -14.24
CA GLY A 143 -7.22 10.35 -12.81
C GLY A 143 -5.88 10.19 -12.13
N SER A 144 -5.02 9.34 -12.67
CA SER A 144 -3.69 9.15 -12.11
C SER A 144 -2.81 10.38 -12.34
N ILE A 145 -2.65 10.77 -13.60
CA ILE A 145 -1.83 11.94 -13.91
C ILE A 145 -2.41 13.18 -13.25
N CYS A 146 -3.74 13.30 -13.24
CA CYS A 146 -4.36 14.40 -12.50
C CYS A 146 -3.99 14.33 -11.02
N GLY A 147 -4.04 13.13 -10.44
CA GLY A 147 -3.61 12.99 -9.06
C GLY A 147 -2.17 13.40 -8.85
N GLN A 148 -1.32 13.15 -9.84
CA GLN A 148 0.07 13.55 -9.74
C GLN A 148 0.21 15.07 -9.70
N LEU A 149 -0.61 15.78 -10.48
CA LEU A 149 -0.45 17.23 -10.59
C LEU A 149 -0.98 17.97 -9.37
N LEU A 150 -2.11 17.55 -8.82
CA LEU A 150 -2.69 18.29 -7.70
C LEU A 150 -1.83 18.13 -6.45
N ILE A 151 -1.30 16.93 -6.20
CA ILE A 151 -0.41 16.75 -5.06
C ILE A 151 0.84 17.58 -5.23
N LEU A 152 1.34 17.69 -6.46
CA LEU A 152 2.48 18.58 -6.71
C LEU A 152 2.10 20.03 -6.46
N THR A 153 0.89 20.42 -6.86
CA THR A 153 0.46 21.81 -6.66
C THR A 153 0.26 22.10 -5.18
N TYR A 154 -0.33 21.17 -4.43
CA TYR A 154 -0.62 21.45 -3.02
C TYR A 154 0.63 21.49 -2.17
N VAL A 155 1.70 20.80 -2.59
CA VAL A 155 2.93 20.78 -1.80
C VAL A 155 3.87 21.93 -2.16
N TYR A 156 3.77 22.49 -3.37
CA TYR A 156 4.65 23.56 -3.80
C TYR A 156 3.89 24.76 -4.37
N GLY A 157 2.57 24.82 -4.18
CA GLY A 157 1.75 25.84 -4.80
C GLY A 157 1.52 27.03 -3.90
N LYS A 158 1.93 28.21 -4.37
CA LYS A 158 1.67 29.47 -3.71
C LYS A 158 0.75 30.30 -4.59
N GLU A 159 -0.35 30.79 -4.03
CA GLU A 159 -1.34 31.49 -4.83
C GLU A 159 -0.81 32.86 -5.27
N THR A 160 -1.19 33.24 -6.49
CA THR A 160 -0.77 34.49 -7.09
C THR A 160 -1.84 34.95 -8.08
N PRO A 161 -1.78 36.28 -8.47
CA PRO A 161 -2.85 36.67 -9.42
C PRO A 161 -2.82 35.91 -10.74
N ASP A 162 -1.64 35.63 -11.28
CA ASP A 162 -1.54 34.94 -12.57
C ASP A 162 -2.15 33.54 -12.50
N GLY A 163 -1.89 32.81 -11.41
CA GLY A 163 -2.42 31.47 -11.25
C GLY A 163 -1.54 30.57 -10.41
N ILE A 164 -1.97 29.33 -10.21
CA ILE A 164 -1.20 28.38 -9.41
C ILE A 164 0.11 28.02 -10.09
N LYS A 165 1.18 27.96 -9.31
CA LYS A 165 2.49 27.61 -9.83
C LYS A 165 3.34 26.90 -8.78
N ILE A 166 4.29 26.10 -9.25
CA ILE A 166 5.18 25.37 -8.35
C ILE A 166 6.60 25.85 -8.58
N THR A 167 7.29 26.26 -7.51
CA THR A 167 8.65 26.76 -7.64
C THR A 167 9.71 25.65 -7.59
N LEU A 168 9.70 24.77 -8.60
CA LEU A 168 10.67 23.70 -8.68
C LEU A 168 11.34 23.74 -10.05
N ASP A 169 12.66 23.90 -10.08
CA ASP A 169 13.38 23.93 -11.34
C ASP A 169 13.04 22.74 -12.23
N ASN A 170 13.22 22.91 -13.55
CA ASN A 170 12.93 21.83 -14.48
C ASN A 170 13.75 20.57 -14.19
N LEU A 171 14.81 20.69 -13.38
CA LEU A 171 15.60 19.53 -12.97
C LEU A 171 14.75 18.39 -12.40
N THR A 172 14.13 18.63 -11.25
CA THR A 172 13.26 17.64 -10.63
C THR A 172 11.95 17.46 -11.38
N MET A 173 11.67 18.27 -12.40
CA MET A 173 10.45 18.13 -13.18
C MET A 173 10.39 16.75 -13.84
N GLN A 174 11.41 16.40 -14.62
CA GLN A 174 11.48 15.10 -15.25
C GLN A 174 11.54 13.99 -14.19
N SER A 186 4.24 9.24 -24.83
CA SER A 186 3.28 8.34 -25.53
C SER A 186 1.87 8.86 -25.32
N ALA A 187 0.90 7.98 -25.04
CA ALA A 187 -0.48 8.42 -24.75
C ALA A 187 -0.43 9.30 -23.50
N VAL A 188 0.58 9.07 -22.65
CA VAL A 188 0.71 9.90 -21.43
C VAL A 188 0.73 11.35 -21.90
N SER A 189 1.76 11.70 -22.69
CA SER A 189 1.88 13.10 -23.19
C SER A 189 0.69 13.41 -24.09
N ARG A 190 0.06 12.39 -24.68
CA ARG A 190 -1.13 12.61 -25.54
C ARG A 190 -2.22 13.26 -24.69
N ILE A 191 -2.52 12.68 -23.54
CA ILE A 191 -3.55 13.25 -22.63
C ILE A 191 -2.99 14.56 -22.09
N ILE A 192 -1.69 14.60 -21.80
CA ILE A 192 -1.11 15.83 -21.21
C ILE A 192 -1.56 16.94 -22.15
N SER A 193 -1.45 16.69 -23.45
CA SER A 193 -1.80 17.70 -24.47
C SER A 193 -3.32 17.72 -24.60
N LYS A 194 -3.93 16.55 -24.76
CA LYS A 194 -5.38 16.69 -24.89
C LYS A 194 -5.96 17.53 -23.76
N LEU A 195 -5.33 17.50 -22.58
CA LEU A 195 -5.71 18.38 -21.49
C LEU A 195 -4.88 19.66 -21.44
N LYS A 196 -3.81 19.74 -22.24
CA LYS A 196 -3.19 21.04 -22.51
C LYS A 196 -4.05 21.89 -23.43
N GLN A 197 -5.14 21.33 -23.95
CA GLN A 197 -5.97 21.96 -24.96
C GLN A 197 -7.22 22.63 -24.39
N GLU A 198 -7.48 22.48 -23.09
CA GLU A 198 -8.67 23.07 -22.47
C GLU A 198 -8.32 23.61 -21.10
N ASN A 212 -6.75 26.17 -13.52
CA ASN A 212 -7.84 25.23 -13.43
C ASN A 212 -7.52 24.10 -12.46
N LEU A 213 -7.24 24.44 -11.20
CA LEU A 213 -7.03 23.42 -10.19
C LEU A 213 -8.24 22.51 -10.04
N ASP A 214 -9.42 22.99 -10.44
CA ASP A 214 -10.64 22.20 -10.28
C ASP A 214 -10.68 20.98 -11.19
N TYR A 215 -9.84 20.93 -12.22
CA TYR A 215 -9.83 19.77 -13.10
C TYR A 215 -9.02 18.63 -12.52
N LEU A 216 -7.87 18.95 -11.93
CA LEU A 216 -7.13 17.89 -11.25
C LEU A 216 -7.95 17.32 -10.10
N LYS A 217 -8.63 18.17 -9.35
CA LYS A 217 -9.55 17.69 -8.33
C LYS A 217 -10.76 17.01 -8.94
N ARG A 218 -11.11 17.37 -10.17
CA ARG A 218 -12.26 16.76 -10.85
C ARG A 218 -12.10 15.25 -10.96
N TYR A 219 -11.05 14.81 -11.65
CA TYR A 219 -10.85 13.40 -11.94
C TYR A 219 -9.87 12.72 -10.99
N ALA A 220 -9.49 13.38 -9.90
CA ALA A 220 -8.71 12.75 -8.83
C ALA A 220 -9.30 13.15 -7.49
N PRO A 221 -10.56 12.78 -7.23
CA PRO A 221 -11.22 13.26 -6.01
C PRO A 221 -10.72 12.59 -4.74
N LYS A 222 -10.52 11.27 -4.76
CA LYS A 222 -10.07 10.59 -3.55
C LYS A 222 -8.66 11.00 -3.16
N LEU A 223 -7.77 11.15 -4.14
CA LEU A 223 -6.44 11.66 -3.82
C LEU A 223 -6.52 13.04 -3.20
N ASP A 224 -7.45 13.87 -3.68
CA ASP A 224 -7.67 15.16 -3.04
C ASP A 224 -8.28 14.99 -1.65
N GLU A 225 -9.14 13.98 -1.48
CA GLU A 225 -9.64 13.68 -0.15
C GLU A 225 -8.52 13.21 0.77
N TRP A 226 -7.72 12.25 0.29
CA TRP A 226 -6.60 11.76 1.08
C TRP A 226 -5.69 12.91 1.52
N PHE A 227 -5.48 13.89 0.64
CA PHE A 227 -4.57 14.99 0.98
C PHE A 227 -5.18 15.94 2.01
N TYR A 228 -6.51 16.03 2.05
CA TYR A 228 -7.19 16.89 3.01
C TYR A 228 -7.21 16.29 4.41
N LEU A 229 -7.05 14.96 4.53
CA LEU A 229 -7.02 14.29 5.82
C LEU A 229 -5.61 14.02 6.32
N ALA A 230 -4.71 13.58 5.44
CA ALA A 230 -3.34 13.30 5.86
C ALA A 230 -2.49 14.55 5.97
N CYS A 231 -2.80 15.57 5.17
CA CYS A 231 -2.06 16.84 5.18
C CYS A 231 -3.06 17.98 5.09
N PRO A 232 -3.87 18.18 6.13
CA PRO A 232 -4.92 19.21 6.07
C PRO A 232 -4.39 20.63 6.00
N ALA A 233 -3.39 20.95 6.84
CA ALA A 233 -2.90 22.31 6.91
C ALA A 233 -2.38 22.79 5.56
N THR A 234 -1.56 21.95 4.89
CA THR A 234 -0.99 22.35 3.60
C THR A 234 -1.99 22.20 2.46
N TRP A 235 -3.03 21.39 2.61
CA TRP A 235 -4.06 21.32 1.58
C TRP A 235 -4.95 22.56 1.60
N GLY A 236 -5.01 23.26 2.73
CA GLY A 236 -5.76 24.50 2.81
C GLY A 236 -5.06 25.65 2.12
N LYS A 237 -3.96 25.42 1.40
CA LYS A 237 -3.27 26.54 0.73
C LYS A 237 -4.12 27.24 -0.35
N LEU A 238 -4.70 26.49 -1.29
CA LEU A 238 -5.65 27.05 -2.24
C LEU A 238 -7.08 26.80 -1.85
N ASN A 239 -7.34 26.65 -0.55
CA ASN A 239 -8.69 26.38 -0.07
C ASN A 239 -8.93 27.07 1.27
N ASN B 4 -1.59 -20.16 11.61
CA ASN B 4 -1.46 -18.76 11.98
C ASN B 4 -1.05 -18.61 13.44
N ALA B 5 0.24 -18.39 13.68
CA ALA B 5 0.75 -18.29 15.05
C ALA B 5 0.39 -16.95 15.67
N GLN B 6 0.82 -15.85 15.04
CA GLN B 6 0.60 -14.53 15.64
C GLN B 6 -0.88 -14.17 15.67
N ALA B 7 -1.65 -14.61 14.69
CA ALA B 7 -3.07 -14.25 14.65
C ALA B 7 -3.81 -14.82 15.85
N GLU B 8 -3.51 -16.07 16.22
CA GLU B 8 -4.16 -16.66 17.39
C GLU B 8 -3.84 -15.86 18.65
N GLU B 9 -2.55 -15.66 18.93
CA GLU B 9 -2.16 -14.94 20.13
C GLU B 9 -2.80 -13.56 20.18
N PHE B 10 -2.88 -12.88 19.04
CA PHE B 10 -3.54 -11.58 18.99
C PHE B 10 -5.04 -11.73 19.20
N LYS B 11 -5.63 -12.83 18.74
CA LYS B 11 -7.05 -13.06 18.94
C LYS B 11 -7.37 -13.30 20.41
N LYS B 12 -6.54 -14.09 21.10
CA LYS B 12 -6.74 -14.33 22.52
C LYS B 12 -6.29 -13.15 23.37
N TYR B 13 -5.42 -12.29 22.83
CA TYR B 13 -5.02 -11.08 23.56
C TYR B 13 -6.16 -10.06 23.60
N LEU B 14 -6.90 -9.94 22.50
CA LEU B 14 -8.07 -9.06 22.49
C LEU B 14 -9.15 -9.59 23.44
N GLU B 15 -9.46 -10.88 23.35
CA GLU B 15 -10.42 -11.47 24.28
C GLU B 15 -9.92 -11.38 25.72
N THR B 16 -8.63 -11.59 25.93
CA THR B 16 -8.06 -11.46 27.27
C THR B 16 -8.33 -10.08 27.86
N ASN B 17 -8.43 -9.06 27.01
CA ASN B 17 -8.71 -7.70 27.44
C ASN B 17 -10.17 -7.32 27.23
N GLY B 18 -11.07 -8.31 27.18
CA GLY B 18 -12.49 -8.05 27.16
C GLY B 18 -13.11 -7.83 25.80
N ILE B 19 -12.32 -7.81 24.72
CA ILE B 19 -12.83 -7.57 23.38
C ILE B 19 -13.31 -8.91 22.81
N LYS B 20 -14.64 -9.08 22.73
CA LYS B 20 -15.22 -10.31 22.23
C LYS B 20 -15.47 -10.21 20.72
N PRO B 21 -15.54 -11.34 20.03
CA PRO B 21 -15.80 -11.33 18.59
C PRO B 21 -17.27 -11.05 18.28
N LYS B 22 -17.56 -10.95 16.99
CA LYS B 22 -18.93 -10.74 16.53
C LYS B 22 -19.00 -11.07 15.04
N GLN B 23 -19.98 -11.88 14.66
CA GLN B 23 -20.14 -12.31 13.28
C GLN B 23 -21.04 -11.35 12.51
N PHE B 24 -20.67 -11.10 11.25
CA PHE B 24 -21.50 -10.36 10.31
C PHE B 24 -21.65 -11.20 9.05
N HIS B 25 -22.66 -10.87 8.24
CA HIS B 25 -22.91 -11.60 7.00
C HIS B 25 -23.14 -10.61 5.86
N LYS B 26 -23.33 -11.17 4.67
CA LYS B 26 -23.33 -10.42 3.41
C LYS B 26 -24.03 -9.07 3.52
N LYS B 27 -23.49 -8.10 2.80
CA LYS B 27 -24.09 -6.78 2.61
C LYS B 27 -24.04 -5.91 3.84
N GLU B 28 -23.59 -6.46 4.96
CA GLU B 28 -23.47 -5.67 6.19
C GLU B 28 -22.20 -4.84 6.16
N LEU B 29 -22.27 -3.68 6.81
CA LEU B 29 -21.15 -2.75 6.91
C LEU B 29 -20.56 -2.89 8.32
N ILE B 30 -19.42 -3.57 8.42
CA ILE B 30 -18.70 -3.59 9.69
C ILE B 30 -18.48 -2.17 10.19
N PHE B 31 -18.08 -1.28 9.27
CA PHE B 31 -18.10 0.16 9.52
C PHE B 31 -18.36 0.84 8.19
N ASN B 32 -19.08 1.95 8.23
CA ASN B 32 -19.49 2.67 7.03
C ASN B 32 -18.77 4.00 6.91
N GLN B 33 -18.96 4.63 5.74
CA GLN B 33 -18.28 5.88 5.42
C GLN B 33 -18.62 7.00 6.38
N TRP B 34 -19.77 6.93 7.06
CA TRP B 34 -20.27 8.04 7.84
C TRP B 34 -20.11 7.87 9.34
N ASP B 35 -19.57 6.73 9.77
CA ASP B 35 -19.33 6.52 11.19
C ASP B 35 -18.26 7.49 11.68
N PRO B 36 -18.58 8.43 12.57
CA PRO B 36 -17.55 9.40 13.01
C PRO B 36 -16.42 8.76 13.80
N GLN B 37 -16.60 7.55 14.30
CA GLN B 37 -15.57 6.90 15.09
C GLN B 37 -14.55 6.21 14.20
N GLU B 38 -13.28 6.30 14.58
CA GLU B 38 -12.21 5.59 13.91
C GLU B 38 -11.98 4.25 14.60
N TYR B 39 -11.91 3.19 13.81
CA TYR B 39 -11.87 1.82 14.34
C TYR B 39 -10.60 1.11 13.89
N CYS B 40 -10.38 -0.05 14.51
CA CYS B 40 -9.39 -1.02 14.06
C CYS B 40 -10.08 -2.38 14.08
N ILE B 41 -10.27 -2.97 12.90
CA ILE B 41 -11.03 -4.20 12.76
C ILE B 41 -10.04 -5.33 12.49
N PHE B 42 -9.93 -6.26 13.44
CA PHE B 42 -9.11 -7.45 13.27
C PHE B 42 -10.00 -8.56 12.72
N LEU B 43 -10.16 -8.55 11.40
CA LEU B 43 -10.91 -9.60 10.71
C LEU B 43 -10.18 -10.93 10.89
N TYR B 44 -10.61 -11.74 11.86
CA TYR B 44 -9.92 -12.99 12.15
C TYR B 44 -10.11 -13.99 11.01
N ASP B 45 -11.36 -14.36 10.74
CA ASP B 45 -11.67 -15.34 9.71
C ASP B 45 -12.78 -14.80 8.81
N GLY B 46 -12.64 -15.05 7.52
CA GLY B 46 -13.60 -14.62 6.52
C GLY B 46 -12.95 -13.79 5.44
N ILE B 47 -13.80 -13.19 4.61
CA ILE B 47 -13.36 -12.33 3.52
C ILE B 47 -14.23 -11.08 3.51
N THR B 48 -13.61 -9.94 3.18
CA THR B 48 -14.32 -8.67 3.13
C THR B 48 -13.74 -7.85 1.99
N LYS B 49 -14.27 -6.64 1.82
CA LYS B 49 -13.80 -5.74 0.77
C LYS B 49 -13.96 -4.30 1.23
N LEU B 50 -12.96 -3.48 0.94
CA LEU B 50 -13.02 -2.05 1.20
C LEU B 50 -13.61 -1.35 -0.01
N THR B 51 -14.70 -0.63 0.19
CA THR B 51 -15.41 0.04 -0.89
C THR B 51 -15.45 1.55 -0.63
N SER B 52 -15.69 2.30 -1.71
CA SER B 52 -15.79 3.75 -1.64
C SER B 52 -16.91 4.19 -2.57
N ILE B 53 -17.74 5.13 -2.09
CA ILE B 53 -18.88 5.63 -2.83
C ILE B 53 -18.49 6.94 -3.49
N SER B 54 -18.49 6.96 -4.83
CA SER B 54 -18.15 8.16 -5.57
C SER B 54 -19.33 9.13 -5.54
N GLU B 55 -19.24 10.19 -6.34
CA GLU B 55 -20.31 11.19 -6.38
C GLU B 55 -21.65 10.54 -6.71
N ASN B 56 -21.79 10.00 -7.92
CA ASN B 56 -23.05 9.48 -8.41
C ASN B 56 -23.40 8.09 -7.86
N GLY B 57 -23.03 7.83 -6.60
CA GLY B 57 -23.40 6.57 -5.96
C GLY B 57 -22.70 5.34 -6.48
N THR B 58 -21.71 5.49 -7.37
CA THR B 58 -21.03 4.34 -7.93
C THR B 58 -20.12 3.71 -6.87
N ILE B 59 -20.24 2.40 -6.70
CA ILE B 59 -19.39 1.66 -5.77
C ILE B 59 -18.07 1.34 -6.45
N MET B 60 -16.97 1.53 -5.72
CA MET B 60 -15.63 1.26 -6.21
C MET B 60 -14.98 0.25 -5.28
N ASN B 61 -14.83 -0.98 -5.75
CA ASN B 61 -14.19 -2.04 -4.96
C ASN B 61 -12.69 -1.87 -5.05
N LEU B 62 -12.08 -1.43 -3.94
CA LEU B 62 -10.68 -1.00 -3.92
C LEU B 62 -9.71 -2.09 -3.46
N GLN B 63 -10.06 -2.85 -2.42
CA GLN B 63 -9.21 -3.93 -1.98
C GLN B 63 -10.06 -4.97 -1.25
N TYR B 64 -9.61 -6.22 -1.32
CA TYR B 64 -10.27 -7.34 -0.67
C TYR B 64 -9.35 -7.93 0.38
N TYR B 65 -9.90 -8.27 1.53
CA TYR B 65 -9.13 -8.74 2.67
C TYR B 65 -9.63 -10.10 3.13
N LYS B 66 -8.68 -10.98 3.46
CA LYS B 66 -8.96 -12.32 3.94
C LYS B 66 -8.29 -12.49 5.30
N GLY B 67 -9.07 -12.92 6.29
CA GLY B 67 -8.52 -13.07 7.63
C GLY B 67 -7.47 -14.16 7.69
N ALA B 68 -6.55 -14.05 8.66
CA ALA B 68 -6.52 -12.96 9.62
C ALA B 68 -5.90 -11.71 8.99
N PHE B 69 -6.45 -10.54 9.33
CA PHE B 69 -5.93 -9.29 8.79
C PHE B 69 -6.45 -8.14 9.65
N VAL B 70 -5.78 -7.00 9.54
CA VAL B 70 -6.08 -5.82 10.34
C VAL B 70 -6.39 -4.67 9.38
N ILE B 71 -7.51 -3.99 9.62
CA ILE B 71 -7.91 -2.82 8.85
C ILE B 71 -8.10 -1.66 9.82
N MET B 72 -7.71 -0.46 9.37
CA MET B 72 -7.74 0.75 10.19
C MET B 72 -8.46 1.84 9.42
N SER B 73 -9.26 2.64 10.13
CA SER B 73 -9.93 3.79 9.55
C SER B 73 -9.43 5.12 10.11
N GLY B 74 -8.54 5.09 11.09
CA GLY B 74 -7.99 6.30 11.66
C GLY B 74 -6.50 6.18 11.86
N PHE B 75 -5.82 7.31 11.76
CA PHE B 75 -4.38 7.35 12.02
C PHE B 75 -4.14 7.20 13.51
N ILE B 76 -3.13 6.39 13.87
CA ILE B 76 -2.93 6.05 15.27
C ILE B 76 -2.35 7.23 16.05
N ASP B 77 -1.57 8.08 15.39
CA ASP B 77 -0.93 9.19 16.10
C ASP B 77 -1.88 10.36 16.29
N THR B 78 -2.61 10.75 15.24
CA THR B 78 -3.55 11.85 15.34
C THR B 78 -4.97 11.40 15.66
N GLU B 79 -5.27 10.11 15.48
CA GLU B 79 -6.60 9.56 15.76
C GLU B 79 -7.67 10.16 14.83
N THR B 80 -7.25 10.61 13.66
CA THR B 80 -8.14 11.17 12.66
C THR B 80 -8.34 10.17 11.53
N SER B 81 -9.42 10.34 10.78
CA SER B 81 -9.83 9.35 9.80
C SER B 81 -8.81 9.24 8.68
N VAL B 82 -8.57 8.00 8.23
CA VAL B 82 -7.69 7.79 7.08
C VAL B 82 -8.43 8.04 5.77
N GLY B 83 -9.75 7.94 5.76
CA GLY B 83 -10.51 8.23 4.56
C GLY B 83 -11.97 7.89 4.77
N TYR B 84 -12.75 8.20 3.74
CA TYR B 84 -14.19 7.90 3.72
C TYR B 84 -14.36 6.58 2.95
N TYR B 85 -14.25 5.48 3.68
CA TYR B 85 -14.39 4.15 3.12
C TYR B 85 -15.48 3.38 3.87
N ASN B 86 -15.83 2.21 3.32
CA ASN B 86 -16.72 1.28 4.00
C ASN B 86 -16.15 -0.12 3.83
N LEU B 87 -16.47 -0.99 4.79
CA LEU B 87 -15.96 -2.36 4.81
C LEU B 87 -17.16 -3.31 4.70
N GLU B 88 -17.46 -3.73 3.48
CA GLU B 88 -18.56 -4.66 3.22
C GLU B 88 -18.04 -6.08 3.24
N VAL B 89 -18.72 -6.95 3.97
CA VAL B 89 -18.35 -8.36 4.02
C VAL B 89 -18.82 -9.04 2.73
N ILE B 90 -17.91 -9.75 2.07
CA ILE B 90 -18.20 -10.39 0.80
C ILE B 90 -18.39 -11.89 1.02
N SER B 91 -17.72 -12.44 2.03
CA SER B 91 -17.98 -13.81 2.42
C SER B 91 -19.36 -13.93 3.04
N GLU B 92 -19.92 -15.15 3.00
CA GLU B 92 -21.26 -15.37 3.53
C GLU B 92 -21.41 -14.72 4.90
N GLN B 93 -20.56 -15.12 5.86
CA GLN B 93 -20.51 -14.45 7.14
C GLN B 93 -19.12 -14.63 7.74
N ALA B 94 -18.67 -13.60 8.45
CA ALA B 94 -17.32 -13.56 9.00
C ALA B 94 -17.33 -12.88 10.36
N THR B 95 -16.32 -13.19 11.16
CA THR B 95 -16.16 -12.62 12.50
C THR B 95 -14.96 -11.69 12.53
N ALA B 96 -15.09 -10.59 13.27
CA ALA B 96 -14.03 -9.61 13.40
C ALA B 96 -14.18 -8.89 14.73
N TYR B 97 -13.05 -8.62 15.39
CA TYR B 97 -13.03 -7.87 16.63
C TYR B 97 -12.99 -6.38 16.29
N VAL B 98 -14.07 -5.67 16.59
CA VAL B 98 -14.13 -4.23 16.36
C VAL B 98 -13.68 -3.53 17.64
N ILE B 99 -12.46 -3.00 17.60
CA ILE B 99 -11.91 -2.21 18.70
C ILE B 99 -11.76 -0.78 18.22
N LYS B 100 -11.92 0.17 19.14
CA LYS B 100 -11.83 1.58 18.79
C LYS B 100 -10.36 2.00 18.70
N ILE B 101 -10.11 3.04 17.90
CA ILE B 101 -8.74 3.43 17.61
C ILE B 101 -7.99 3.81 18.87
N ASN B 102 -8.69 4.39 19.85
CA ASN B 102 -8.03 4.86 21.06
C ASN B 102 -7.69 3.70 21.99
N GLU B 103 -8.58 2.71 22.11
CA GLU B 103 -8.25 1.51 22.87
C GLU B 103 -7.12 0.74 22.21
N LEU B 104 -7.15 0.63 20.88
CA LEU B 104 -6.08 -0.06 20.16
C LEU B 104 -4.73 0.59 20.44
N LYS B 105 -4.69 1.93 20.47
CA LYS B 105 -3.44 2.61 20.76
C LYS B 105 -2.94 2.32 22.16
N GLU B 106 -3.82 1.85 23.05
CA GLU B 106 -3.43 1.52 24.42
C GLU B 106 -2.96 0.07 24.55
N LEU B 107 -3.65 -0.87 23.89
CA LEU B 107 -3.25 -2.26 23.97
C LEU B 107 -1.89 -2.50 23.33
N LEU B 108 -1.66 -1.90 22.15
CA LEU B 108 -0.37 -2.08 21.48
C LEU B 108 0.76 -1.47 22.29
N SER B 109 0.52 -0.31 22.90
CA SER B 109 1.54 0.32 23.74
C SER B 109 1.87 -0.53 24.96
N LYS B 110 0.97 -1.42 25.37
CA LYS B 110 1.21 -2.28 26.53
C LYS B 110 2.02 -3.52 26.14
N ASN B 111 1.79 -4.05 24.95
CA ASN B 111 2.49 -5.24 24.47
C ASN B 111 3.08 -4.94 23.11
N LEU B 112 4.41 -5.02 23.01
CA LEU B 112 5.11 -4.65 21.78
C LEU B 112 5.11 -5.76 20.74
N THR B 113 4.97 -7.02 21.17
CA THR B 113 4.90 -8.12 20.20
C THR B 113 3.69 -7.96 19.30
N HIS B 114 2.53 -7.63 19.88
CA HIS B 114 1.34 -7.38 19.07
C HIS B 114 1.47 -6.08 18.30
N PHE B 115 2.25 -5.12 18.81
CA PHE B 115 2.52 -3.90 18.06
C PHE B 115 3.25 -4.23 16.75
N PHE B 116 4.28 -5.08 16.84
CA PHE B 116 5.00 -5.48 15.64
C PHE B 116 4.10 -6.24 14.68
N TYR B 117 3.19 -7.05 15.20
CA TYR B 117 2.29 -7.81 14.34
C TYR B 117 1.46 -6.87 13.47
N VAL B 118 0.79 -5.90 14.09
CA VAL B 118 0.03 -4.92 13.32
C VAL B 118 0.95 -4.05 12.48
N PHE B 119 2.14 -3.74 13.01
CA PHE B 119 3.11 -2.97 12.24
C PHE B 119 3.52 -3.71 10.98
N GLN B 120 3.83 -5.00 11.10
CA GLN B 120 4.31 -5.76 9.95
C GLN B 120 3.21 -6.03 8.94
N THR B 121 1.98 -6.26 9.42
CA THR B 121 0.88 -6.49 8.49
C THR B 121 0.69 -5.31 7.55
N LEU B 122 0.88 -4.10 8.07
CA LEU B 122 0.78 -2.91 7.22
C LEU B 122 1.99 -2.80 6.31
N GLN B 123 3.16 -3.25 6.76
CA GLN B 123 4.35 -3.21 5.91
C GLN B 123 4.14 -4.03 4.64
N LYS B 124 3.67 -5.27 4.79
CA LYS B 124 3.43 -6.12 3.64
C LYS B 124 2.22 -5.69 2.83
N GLN B 125 1.40 -4.77 3.35
CA GLN B 125 0.38 -4.15 2.50
C GLN B 125 0.98 -3.07 1.62
N VAL B 126 1.97 -2.34 2.14
CA VAL B 126 2.66 -1.33 1.34
C VAL B 126 3.45 -1.98 0.21
N SER B 127 4.26 -2.99 0.55
CA SER B 127 5.07 -3.65 -0.47
C SER B 127 4.20 -4.37 -1.49
N TYR B 128 3.04 -4.89 -1.08
CA TYR B 128 2.15 -5.55 -2.01
C TYR B 128 1.77 -4.62 -3.16
N SER B 129 1.43 -3.37 -2.85
CA SER B 129 1.08 -2.43 -3.90
C SER B 129 2.29 -2.13 -4.79
N LEU B 130 3.46 -1.94 -4.19
CA LEU B 130 4.67 -1.68 -4.97
C LEU B 130 4.99 -2.84 -5.89
N ALA B 131 4.71 -4.06 -5.44
CA ALA B 131 5.00 -5.24 -6.27
C ALA B 131 3.99 -5.39 -7.39
N LYS B 132 2.70 -5.19 -7.11
CA LYS B 132 1.71 -5.27 -8.18
C LYS B 132 1.92 -4.16 -9.21
N PHE B 133 2.18 -2.93 -8.73
CA PHE B 133 2.45 -1.85 -9.66
C PHE B 133 3.71 -2.11 -10.47
N ASN B 134 4.65 -2.87 -9.91
CA ASN B 134 5.87 -3.20 -10.64
C ASN B 134 5.58 -4.16 -11.78
N ASP B 135 4.89 -5.26 -11.48
CA ASP B 135 4.53 -6.21 -12.53
C ASP B 135 3.66 -5.55 -13.59
N PHE B 136 2.65 -4.78 -13.16
CA PHE B 136 1.80 -4.10 -14.13
C PHE B 136 2.60 -3.18 -15.04
N SER B 137 3.67 -2.59 -14.51
CA SER B 137 4.50 -1.70 -15.31
C SER B 137 5.45 -2.45 -16.24
N ILE B 138 5.71 -3.74 -15.97
CA ILE B 138 6.60 -4.53 -16.82
C ILE B 138 5.79 -5.18 -17.94
N ASN B 139 4.80 -6.00 -17.57
CA ASN B 139 4.08 -6.83 -18.52
C ASN B 139 2.64 -6.37 -18.73
N GLY B 140 2.34 -5.09 -18.47
CA GLY B 140 1.01 -4.56 -18.73
C GLY B 140 -0.08 -5.41 -18.12
N LYS B 141 -1.25 -5.36 -18.75
CA LYS B 141 -2.41 -6.10 -18.25
C LYS B 141 -2.09 -7.57 -18.05
N LEU B 142 -1.21 -8.14 -18.89
CA LEU B 142 -0.86 -9.54 -18.75
C LEU B 142 -0.25 -9.82 -17.38
N GLY B 143 0.72 -9.00 -16.97
CA GLY B 143 1.31 -9.17 -15.65
C GLY B 143 0.33 -8.84 -14.54
N SER B 144 -0.52 -7.83 -14.75
CA SER B 144 -1.54 -7.50 -13.77
C SER B 144 -2.48 -8.68 -13.55
N ILE B 145 -2.98 -9.26 -14.64
CA ILE B 145 -3.91 -10.39 -14.51
C ILE B 145 -3.18 -11.62 -13.98
N CYS B 146 -1.94 -11.84 -14.42
CA CYS B 146 -1.17 -12.97 -13.92
C CYS B 146 -0.89 -12.83 -12.43
N GLY B 147 -0.66 -11.61 -11.96
CA GLY B 147 -0.47 -11.39 -10.53
C GLY B 147 -1.73 -11.71 -9.74
N GLN B 148 -2.89 -11.33 -10.28
CA GLN B 148 -4.16 -11.69 -9.65
C GLN B 148 -4.30 -13.21 -9.56
N LEU B 149 -4.08 -13.90 -10.68
CA LEU B 149 -4.18 -15.36 -10.68
C LEU B 149 -3.11 -15.99 -9.79
N LEU B 150 -1.95 -15.34 -9.67
CA LEU B 150 -0.86 -15.92 -8.88
C LEU B 150 -1.17 -15.89 -7.39
N ILE B 151 -1.73 -14.79 -6.90
CA ILE B 151 -2.01 -14.69 -5.47
C ILE B 151 -3.18 -15.59 -5.09
N LEU B 152 -4.19 -15.69 -5.97
CA LEU B 152 -5.32 -16.55 -5.67
C LEU B 152 -4.92 -18.02 -5.59
N THR B 153 -4.01 -18.44 -6.46
CA THR B 153 -3.58 -19.84 -6.46
C THR B 153 -2.61 -20.15 -5.33
N TYR B 154 -2.02 -19.13 -4.69
CA TYR B 154 -1.22 -19.38 -3.49
C TYR B 154 -2.10 -19.52 -2.25
N VAL B 155 -3.15 -18.71 -2.16
CA VAL B 155 -3.99 -18.72 -0.97
C VAL B 155 -5.03 -19.85 -1.03
N TYR B 156 -5.49 -20.20 -2.24
CA TYR B 156 -6.52 -21.23 -2.39
C TYR B 156 -6.05 -22.44 -3.17
N GLY B 157 -4.81 -22.45 -3.67
CA GLY B 157 -4.37 -23.53 -4.53
C GLY B 157 -4.24 -24.84 -3.77
N LYS B 158 -4.91 -25.87 -4.28
CA LYS B 158 -4.80 -27.23 -3.77
C LYS B 158 -4.00 -28.06 -4.76
N GLU B 159 -2.92 -28.68 -4.28
CA GLU B 159 -2.07 -29.50 -5.14
C GLU B 159 -2.84 -30.76 -5.53
N THR B 160 -3.26 -30.83 -6.79
CA THR B 160 -4.10 -31.90 -7.31
C THR B 160 -3.36 -32.67 -8.41
N PRO B 161 -3.61 -33.98 -8.54
CA PRO B 161 -3.01 -34.71 -9.67
C PRO B 161 -3.33 -34.09 -11.02
N ASP B 162 -4.45 -33.40 -11.14
CA ASP B 162 -4.85 -32.72 -12.37
C ASP B 162 -4.91 -31.22 -12.08
N GLY B 163 -3.78 -30.55 -12.22
CA GLY B 163 -3.73 -29.11 -12.03
C GLY B 163 -3.78 -28.72 -10.56
N ILE B 164 -4.12 -27.45 -10.33
CA ILE B 164 -4.26 -26.89 -8.99
C ILE B 164 -5.72 -26.53 -8.80
N LYS B 165 -6.37 -27.20 -7.85
CA LYS B 165 -7.80 -26.98 -7.58
C LYS B 165 -7.92 -25.79 -6.65
N ILE B 166 -8.19 -24.62 -7.22
CA ILE B 166 -8.36 -23.42 -6.40
C ILE B 166 -9.65 -23.55 -5.60
N THR B 167 -9.53 -23.46 -4.28
CA THR B 167 -10.67 -23.63 -3.38
C THR B 167 -11.37 -22.28 -3.26
N LEU B 168 -12.49 -22.13 -3.97
CA LEU B 168 -13.21 -20.86 -3.96
C LEU B 168 -14.53 -21.04 -4.68
N ASP B 169 -15.52 -20.24 -4.28
CA ASP B 169 -16.84 -20.26 -4.88
C ASP B 169 -16.74 -20.04 -6.38
N ASN B 170 -17.73 -20.37 -7.18
CA ASN B 170 -17.65 -20.40 -8.64
C ASN B 170 -17.42 -19.00 -9.21
N LEU B 171 -18.35 -18.03 -8.80
CA LEU B 171 -18.33 -16.71 -9.43
C LEU B 171 -17.87 -15.60 -8.50
N THR B 172 -17.71 -15.84 -7.20
CA THR B 172 -16.86 -14.97 -6.41
C THR B 172 -15.40 -15.13 -6.80
N MET B 173 -15.08 -16.18 -7.55
CA MET B 173 -13.72 -16.40 -8.03
C MET B 173 -13.34 -15.37 -9.09
N GLN B 174 -14.21 -15.17 -10.08
CA GLN B 174 -14.01 -14.17 -11.12
C GLN B 174 -14.82 -12.90 -10.87
N GLU B 175 -15.07 -12.57 -9.60
CA GLU B 175 -15.81 -11.38 -9.23
C GLU B 175 -15.05 -10.12 -9.65
N SER B 185 -13.25 -4.60 -20.49
CA SER B 185 -13.57 -5.99 -20.07
C SER B 185 -13.08 -6.94 -21.16
N SER B 186 -13.16 -6.48 -22.40
CA SER B 186 -12.67 -7.29 -23.53
C SER B 186 -11.18 -7.57 -23.49
N ALA B 187 -10.40 -6.61 -22.98
CA ALA B 187 -8.96 -6.81 -22.78
C ALA B 187 -8.75 -7.99 -21.84
N VAL B 188 -9.50 -7.99 -20.75
CA VAL B 188 -9.39 -9.14 -19.81
C VAL B 188 -9.73 -10.38 -20.63
N SER B 189 -10.83 -10.32 -21.36
CA SER B 189 -11.22 -11.51 -22.10
C SER B 189 -10.12 -11.97 -23.05
N ARG B 190 -9.49 -11.02 -23.75
CA ARG B 190 -8.46 -11.41 -24.71
C ARG B 190 -7.31 -12.14 -24.02
N ILE B 191 -6.96 -11.73 -22.80
CA ILE B 191 -5.82 -12.33 -22.11
C ILE B 191 -6.20 -13.71 -21.56
N ILE B 192 -7.34 -13.80 -20.85
CA ILE B 192 -7.74 -15.08 -20.28
C ILE B 192 -7.97 -16.12 -21.37
N SER B 193 -8.38 -15.68 -22.57
CA SER B 193 -8.57 -16.64 -23.66
C SER B 193 -7.27 -17.33 -24.00
N LYS B 194 -6.19 -16.56 -24.19
CA LYS B 194 -4.89 -17.16 -24.45
C LYS B 194 -4.48 -18.11 -23.33
N LEU B 195 -4.71 -17.73 -22.08
CA LEU B 195 -4.35 -18.60 -20.97
C LEU B 195 -5.10 -19.92 -21.02
N LYS B 196 -6.40 -19.88 -21.31
CA LYS B 196 -7.17 -21.10 -21.46
C LYS B 196 -6.55 -22.02 -22.51
N GLN B 197 -6.09 -21.45 -23.62
CA GLN B 197 -5.63 -22.26 -24.75
C GLN B 197 -4.26 -22.85 -24.50
N GLU B 198 -3.37 -22.12 -23.83
CA GLU B 198 -1.99 -22.54 -23.66
C GLU B 198 -1.78 -23.43 -22.43
N LYS B 199 -2.85 -23.95 -21.84
CA LYS B 199 -2.83 -24.95 -20.78
C LYS B 199 -2.38 -24.38 -19.43
N VAL B 200 -1.99 -23.11 -19.37
CA VAL B 200 -1.55 -22.54 -18.09
C VAL B 200 -2.71 -22.54 -17.09
N ILE B 201 -3.92 -22.22 -17.54
CA ILE B 201 -5.12 -22.33 -16.72
C ILE B 201 -6.12 -23.19 -17.46
N VAL B 202 -7.13 -23.66 -16.72
CA VAL B 202 -8.19 -24.47 -17.28
C VAL B 202 -9.49 -24.16 -16.55
N TYR B 203 -10.60 -24.22 -17.27
CA TYR B 203 -11.93 -23.93 -16.71
C TYR B 203 -12.73 -25.23 -16.73
N LYS B 204 -12.42 -26.11 -15.79
CA LYS B 204 -13.03 -27.43 -15.70
C LYS B 204 -13.89 -27.52 -14.44
N ASN B 205 -15.01 -28.24 -14.55
CA ASN B 205 -15.96 -28.38 -13.45
C ASN B 205 -16.46 -27.02 -12.96
N SER B 206 -16.58 -26.06 -13.87
CA SER B 206 -16.95 -24.69 -13.53
C SER B 206 -16.05 -24.14 -12.43
N CYS B 207 -14.77 -24.53 -12.46
CA CYS B 207 -13.83 -24.15 -11.43
C CYS B 207 -12.45 -23.99 -12.07
N PHE B 208 -11.75 -22.91 -11.72
CA PHE B 208 -10.45 -22.66 -12.30
C PHE B 208 -9.45 -23.72 -11.85
N TYR B 209 -8.61 -24.15 -12.77
CA TYR B 209 -7.44 -24.96 -12.48
C TYR B 209 -6.19 -24.20 -12.92
N VAL B 210 -5.03 -24.72 -12.54
CA VAL B 210 -3.76 -24.15 -12.93
C VAL B 210 -2.75 -25.27 -13.11
N GLN B 211 -2.33 -25.53 -14.35
CA GLN B 211 -1.41 -26.61 -14.64
C GLN B 211 -0.01 -26.12 -15.01
N ASN B 212 0.20 -24.80 -15.15
CA ASN B 212 1.52 -24.22 -15.36
C ASN B 212 1.63 -22.94 -14.54
N LEU B 213 1.61 -23.11 -13.21
CA LEU B 213 1.80 -21.98 -12.31
C LEU B 213 3.09 -21.22 -12.61
N ASP B 214 4.07 -21.89 -13.22
CA ASP B 214 5.33 -21.22 -13.52
C ASP B 214 5.14 -20.07 -14.51
N TYR B 215 4.19 -20.21 -15.44
CA TYR B 215 3.92 -19.13 -16.38
C TYR B 215 3.50 -17.87 -15.63
N LEU B 216 2.55 -18.00 -14.70
CA LEU B 216 2.12 -16.85 -13.91
C LEU B 216 3.30 -16.29 -13.11
N LYS B 217 4.19 -17.16 -12.64
CA LYS B 217 5.30 -16.70 -11.80
C LYS B 217 6.18 -15.71 -12.54
N ARG B 218 6.57 -16.02 -13.78
CA ARG B 218 7.58 -15.23 -14.47
C ARG B 218 7.00 -14.01 -15.18
N TYR B 219 5.68 -13.91 -15.34
CA TYR B 219 5.06 -12.70 -15.85
C TYR B 219 4.56 -11.79 -14.74
N ALA B 220 4.51 -12.28 -13.50
CA ALA B 220 4.30 -11.45 -12.32
C ALA B 220 5.42 -11.78 -11.34
N PRO B 221 6.66 -11.46 -11.69
CA PRO B 221 7.79 -11.94 -10.87
C PRO B 221 7.87 -11.28 -9.51
N LYS B 222 7.69 -9.97 -9.43
CA LYS B 222 7.93 -9.28 -8.16
C LYS B 222 6.75 -9.37 -7.20
N LEU B 223 5.58 -9.81 -7.66
CA LEU B 223 4.54 -10.24 -6.72
C LEU B 223 4.82 -11.63 -6.20
N ASP B 224 5.45 -12.48 -7.02
CA ASP B 224 5.84 -13.80 -6.57
C ASP B 224 6.87 -13.72 -5.45
N GLU B 225 7.86 -12.85 -5.58
CA GLU B 225 8.84 -12.67 -4.50
C GLU B 225 8.16 -12.06 -3.27
N TRP B 226 7.21 -11.15 -3.47
CA TRP B 226 6.47 -10.59 -2.34
C TRP B 226 5.80 -11.69 -1.53
N PHE B 227 5.30 -12.72 -2.20
CA PHE B 227 4.69 -13.84 -1.47
C PHE B 227 5.74 -14.65 -0.73
N TYR B 228 6.91 -14.84 -1.36
CA TYR B 228 7.99 -15.55 -0.68
C TYR B 228 8.50 -14.77 0.52
N LEU B 229 8.63 -13.45 0.38
CA LEU B 229 9.21 -12.64 1.44
C LEU B 229 8.20 -12.38 2.55
N ALA B 230 6.93 -12.17 2.20
CA ALA B 230 5.91 -11.85 3.18
C ALA B 230 5.20 -13.08 3.73
N CYS B 231 5.09 -14.15 2.94
CA CYS B 231 4.43 -15.38 3.37
C CYS B 231 5.20 -16.59 2.84
N PRO B 232 6.45 -16.75 3.27
CA PRO B 232 7.25 -17.90 2.77
C PRO B 232 6.64 -19.24 3.09
N ALA B 233 5.74 -19.33 4.07
CA ALA B 233 5.08 -20.59 4.37
C ALA B 233 4.07 -20.94 3.29
N THR B 234 3.18 -20.00 2.96
CA THR B 234 2.19 -20.24 1.91
C THR B 234 2.81 -20.25 0.52
N TRP B 235 4.02 -19.72 0.37
CA TRP B 235 4.70 -19.71 -0.91
C TRP B 235 5.57 -20.95 -1.11
N GLY B 236 6.07 -21.54 -0.02
CA GLY B 236 6.98 -22.67 -0.14
C GLY B 236 6.30 -24.00 -0.34
N LYS B 237 5.03 -24.13 0.03
CA LYS B 237 4.36 -25.41 -0.11
C LYS B 237 3.87 -25.67 -1.53
N LEU B 238 3.70 -24.62 -2.34
CA LEU B 238 3.37 -24.75 -3.75
C LEU B 238 4.58 -24.60 -4.66
N ASN B 239 5.79 -24.73 -4.10
CA ASN B 239 7.01 -24.65 -4.87
C ASN B 239 8.00 -25.72 -4.42
N GLU C 2 5.93 12.27 3.02
CA GLU C 2 4.61 12.12 2.35
C GLU C 2 4.78 11.36 1.04
N PRO C 3 3.91 10.40 0.71
CA PRO C 3 4.04 9.74 -0.55
C PRO C 3 3.61 10.81 -1.55
N LEU C 4 4.41 11.03 -2.59
CA LEU C 4 3.91 11.96 -3.60
C LEU C 4 3.84 11.13 -4.86
#